data_6OY4
#
_entry.id   6OY4
#
_cell.length_a   180.094
_cell.length_b   43.336
_cell.length_c   105.935
_cell.angle_alpha   90.00
_cell.angle_beta   125.29
_cell.angle_gamma   90.00
#
_symmetry.space_group_name_H-M   'C 1 2 1'
#
loop_
_entity.id
_entity.type
_entity.pdbx_description
1 polymer 'Der p 2 variant 3'
2 polymer 'Fab fragment of IgG, LIGHT CHAIN'
3 polymer 'Fab fragment of IgG, HEAVY CHAIN'
4 non-polymer 'SULFATE ION'
5 water water
#
loop_
_entity_poly.entity_id
_entity_poly.type
_entity_poly.pdbx_seq_one_letter_code
_entity_poly.pdbx_strand_id
1 'polypeptide(L)'
;DQVDVKDCANHEIKKVLVPGCHGSEPCIIHRGKPFQLEALFEANQNSKTAKIEIKASIDGLEVDVPGIDPNACHYMKCPL
VKGQQYDIKYTWNVPKIAPKSENVVVTVKVMGDNGVLACAIATHAKIRD
;
A
2 'polypeptide(L)'
;DIVLTQSPASLAVSLGQRATISCKASQSVDYGGNSYVNWYQQKPGQPPKLLIYAASNLKSGIPARFSGSGSGTDFTLNIH
PVEEEDAATYYCQQSNEDPWTFGGGTKLEIKRADAAPTVSIFPPSSEQLTSGGASVVCFLNNFYPKDINVAWKIDGSERQ
NGVLNSWTDQDSKDSTYSMSSTLTLTKDEYERHNSYTCEATHKTSTSPIVKSFNRN
;
C
3 'polypeptide(L)'
;QIQLVQSGPELKKPGETIKISCKASGYTFTNYGMNWVKQTPGKGLKWMGWINPYTGEEPSYADDFKGRFAFSLETSANTA
YLQINNLNNEDMATYFCARGGFTDYYGMDYWGQGTSVTVSSAKTTPPSVYPLAPGSAAQTNSMVTLGCLVKGYFPEPVTV
TWNSGSASSGVHTFPAVLQSDLYTLSSSVTVPSSTWPSETVTCNVAHPASSTKVDKKIVPR
;
D
#
loop_
_chem_comp.id
_chem_comp.type
_chem_comp.name
_chem_comp.formula
SO4 non-polymer 'SULFATE ION' 'O4 S -2'
#
# COMPACT_ATOMS: atom_id res chain seq x y z
N ASP A 1 38.95 -6.33 14.67
CA ASP A 1 38.15 -5.16 14.14
C ASP A 1 38.94 -3.89 13.77
N GLN A 2 40.22 -3.82 14.17
CA GLN A 2 41.16 -2.77 13.76
C GLN A 2 41.50 -2.85 12.27
N VAL A 3 41.71 -1.68 11.66
CA VAL A 3 42.02 -1.59 10.22
C VAL A 3 43.15 -0.60 9.94
N ASP A 4 43.85 -0.84 8.83
CA ASP A 4 45.04 -0.07 8.47
C ASP A 4 44.69 1.25 7.79
N VAL A 5 45.12 2.35 8.42
CA VAL A 5 45.05 3.69 7.82
C VAL A 5 46.48 4.15 7.50
N LYS A 6 46.65 5.46 7.30
CA LYS A 6 47.96 6.07 7.02
C LYS A 6 47.98 7.48 7.57
N ASP A 7 48.96 7.78 8.42
CA ASP A 7 49.05 9.06 9.13
C ASP A 7 49.58 10.18 8.24
N CYS A 8 48.67 11.03 7.73
CA CYS A 8 49.08 12.18 6.91
C CYS A 8 49.88 13.24 7.68
N ALA A 9 49.56 13.45 8.96
CA ALA A 9 50.22 14.49 9.77
C ALA A 9 51.36 13.89 10.61
N ASN A 10 51.27 13.96 11.94
CA ASN A 10 52.38 13.69 12.86
C ASN A 10 52.27 12.43 13.73
N HIS A 11 51.53 11.42 13.29
CA HIS A 11 51.37 10.14 14.05
C HIS A 11 50.46 10.20 15.28
N GLU A 12 49.63 11.24 15.36
CA GLU A 12 48.79 11.48 16.54
C GLU A 12 47.84 10.30 16.77
N ILE A 13 47.34 9.72 15.68
CA ILE A 13 46.45 8.58 15.72
C ILE A 13 47.27 7.31 15.97
N LYS A 14 46.80 6.48 16.91
CA LYS A 14 47.45 5.21 17.24
C LYS A 14 46.75 4.00 16.61
N LYS A 15 45.42 4.03 16.51
CA LYS A 15 44.65 2.95 15.85
C LYS A 15 43.29 3.41 15.26
N VAL A 16 42.70 2.54 14.44
CA VAL A 16 41.38 2.75 13.83
C VAL A 16 40.59 1.43 13.80
N LEU A 17 39.44 1.42 14.47
CA LEU A 17 38.50 0.29 14.47
C LEU A 17 37.28 0.59 13.57
N VAL A 18 36.83 -0.43 12.83
CA VAL A 18 35.57 -0.39 12.08
C VAL A 18 34.82 -1.72 12.32
N PRO A 19 33.64 -1.67 12.97
CA PRO A 19 32.78 -2.84 13.08
C PRO A 19 32.66 -3.67 11.79
N GLY A 20 33.15 -4.90 11.84
CA GLY A 20 33.10 -5.84 10.73
C GLY A 20 34.37 -5.96 9.90
N CYS A 21 35.24 -4.95 9.93
CA CYS A 21 36.41 -4.89 9.03
C CYS A 21 37.69 -5.28 9.76
N HIS A 22 38.61 -5.95 9.04
CA HIS A 22 39.87 -6.46 9.62
C HIS A 22 41.10 -6.14 8.78
N GLY A 23 41.99 -5.31 9.31
CA GLY A 23 43.30 -5.03 8.68
C GLY A 23 43.21 -4.21 7.39
N SER A 24 43.85 -4.71 6.33
CA SER A 24 43.88 -4.05 5.02
C SER A 24 42.93 -4.73 4.02
N GLU A 25 42.15 -5.70 4.47
CA GLU A 25 41.22 -6.42 3.58
C GLU A 25 39.95 -5.58 3.29
N PRO A 26 39.15 -5.99 2.27
CA PRO A 26 37.92 -5.28 1.92
C PRO A 26 36.97 -4.95 3.08
N CYS A 27 36.86 -3.64 3.37
CA CYS A 27 35.93 -3.09 4.33
C CYS A 27 34.66 -2.59 3.61
N ILE A 28 33.54 -3.28 3.86
CA ILE A 28 32.29 -3.02 3.12
C ILE A 28 31.48 -1.94 3.82
N ILE A 29 31.16 -0.90 3.06
CA ILE A 29 30.25 0.17 3.49
C ILE A 29 28.96 -0.07 2.73
N HIS A 30 27.87 -0.34 3.46
CA HIS A 30 26.56 -0.60 2.85
C HIS A 30 25.78 0.68 2.68
N ARG A 31 25.48 1.03 1.42
CA ARG A 31 24.68 2.25 1.18
C ARG A 31 23.29 2.14 1.79
N GLY A 32 22.82 3.27 2.31
CA GLY A 32 21.56 3.35 3.03
C GLY A 32 21.62 2.95 4.49
N LYS A 33 22.83 2.62 4.99
CA LYS A 33 23.05 2.09 6.32
C LYS A 33 24.14 2.86 7.05
N PRO A 34 24.12 2.82 8.40
CA PRO A 34 25.14 3.60 9.10
C PRO A 34 26.55 3.03 8.93
N PHE A 35 27.52 3.91 9.00
CA PHE A 35 28.92 3.53 8.95
C PHE A 35 29.61 4.07 10.19
N GLN A 36 30.12 3.14 11.00
CA GLN A 36 30.63 3.43 12.33
C GLN A 36 32.13 3.19 12.37
N LEU A 37 32.88 4.17 12.86
CA LEU A 37 34.32 4.00 13.13
C LEU A 37 34.72 4.56 14.48
N GLU A 38 35.59 3.83 15.19
CA GLU A 38 36.14 4.24 16.48
C GLU A 38 37.60 4.59 16.25
N ALA A 39 37.97 5.83 16.59
CA ALA A 39 39.35 6.33 16.48
C ALA A 39 39.84 6.84 17.85
N LEU A 40 41.13 6.65 18.13
CA LEU A 40 41.78 7.26 19.30
C LEU A 40 43.11 7.88 18.91
N PHE A 41 43.42 9.02 19.53
CA PHE A 41 44.57 9.83 19.14
C PHE A 41 45.17 10.61 20.31
N GLU A 42 46.45 10.95 20.15
CA GLU A 42 47.17 11.89 21.03
C GLU A 42 47.59 13.10 20.20
N ALA A 43 46.79 14.16 20.24
CA ALA A 43 47.11 15.39 19.51
C ALA A 43 48.09 16.28 20.29
N ASN A 44 48.84 17.10 19.56
CA ASN A 44 49.91 17.95 20.13
C ASN A 44 49.55 19.44 20.15
N GLN A 45 48.35 19.73 20.66
CA GLN A 45 47.85 21.12 20.80
C GLN A 45 46.99 21.23 22.05
N ASN A 46 46.70 22.47 22.44
CA ASN A 46 45.63 22.79 23.41
C ASN A 46 44.49 23.52 22.69
N SER A 47 43.25 23.10 22.98
CA SER A 47 42.06 23.60 22.27
C SER A 47 40.80 23.42 23.10
N ALA A 50 37.62 22.31 17.53
CA ALA A 50 37.99 21.10 16.80
C ALA A 50 36.93 20.71 15.75
N LYS A 51 37.12 21.18 14.51
CA LYS A 51 36.23 20.93 13.37
C LYS A 51 36.70 19.74 12.51
N ILE A 52 35.77 18.81 12.22
CA ILE A 52 36.07 17.58 11.48
C ILE A 52 35.79 17.76 9.98
N GLU A 53 36.78 17.41 9.15
CA GLU A 53 36.69 17.54 7.69
C GLU A 53 36.95 16.19 6.99
N ILE A 54 35.95 15.67 6.27
CA ILE A 54 36.08 14.39 5.54
C ILE A 54 36.02 14.54 4.00
N LYS A 55 37.17 14.33 3.36
CA LYS A 55 37.26 14.07 1.92
C LYS A 55 37.05 12.56 1.64
N ALA A 56 36.49 12.25 0.47
CA ALA A 56 36.33 10.85 0.06
C ALA A 56 36.28 10.78 -1.44
N SER A 57 37.26 10.12 -2.06
CA SER A 57 37.24 9.96 -3.52
C SER A 57 36.65 8.59 -3.88
N ILE A 58 35.79 8.61 -4.90
CA ILE A 58 35.10 7.43 -5.37
C ILE A 58 35.49 7.27 -6.84
N ASP A 59 36.45 6.39 -7.11
CA ASP A 59 37.08 6.25 -8.44
C ASP A 59 37.54 7.61 -8.97
N GLY A 60 38.03 8.49 -8.11
CA GLY A 60 38.44 9.82 -8.60
C GLY A 60 37.36 10.86 -8.92
N LEU A 61 36.12 10.60 -8.49
CA LEU A 61 35.19 11.66 -8.13
C LEU A 61 35.55 12.04 -6.69
N GLU A 62 36.18 13.19 -6.51
CA GLU A 62 36.65 13.64 -5.18
C GLU A 62 35.56 14.46 -4.45
N VAL A 63 34.89 13.85 -3.48
CA VAL A 63 33.73 14.50 -2.79
C VAL A 63 33.94 14.73 -1.27
N ASP A 64 33.63 15.97 -0.84
CA ASP A 64 33.43 16.28 0.59
C ASP A 64 32.08 15.71 1.03
N VAL A 65 32.09 15.00 2.16
CA VAL A 65 30.96 14.16 2.57
C VAL A 65 29.80 14.99 3.13
N PRO A 66 28.56 14.78 2.63
CA PRO A 66 27.37 15.44 3.20
C PRO A 66 26.83 14.76 4.47
N GLY A 67 26.16 15.53 5.32
CA GLY A 67 25.59 15.03 6.57
C GLY A 67 26.61 14.69 7.64
N ILE A 68 27.70 15.46 7.66
CA ILE A 68 28.79 15.29 8.62
C ILE A 68 28.53 16.24 9.79
N ASP A 69 28.30 15.67 10.98
CA ASP A 69 28.26 16.44 12.22
C ASP A 69 29.72 16.81 12.55
N PRO A 70 30.12 18.09 12.36
CA PRO A 70 31.55 18.44 12.39
C PRO A 70 32.16 18.82 13.76
N ASN A 71 31.38 18.79 14.83
CA ASN A 71 31.93 19.01 16.18
C ASN A 71 32.53 17.70 16.72
N ALA A 72 33.83 17.73 17.03
CA ALA A 72 34.53 16.62 17.67
C ALA A 72 34.11 16.42 19.14
N CYS A 73 33.78 17.52 19.81
CA CYS A 73 33.28 17.49 21.19
C CYS A 73 31.75 17.30 21.32
N HIS A 74 31.09 16.94 20.21
CA HIS A 74 29.75 16.35 20.22
C HIS A 74 29.79 14.80 20.20
N TYR A 75 31.00 14.22 20.11
CA TYR A 75 31.23 12.76 20.16
C TYR A 75 32.34 12.33 21.15
N MET A 76 32.78 13.25 22.01
CA MET A 76 33.98 13.05 22.83
C MET A 76 33.87 13.78 24.17
N LEU A 80 39.98 18.41 26.14
CA LEU A 80 41.19 17.99 25.44
C LEU A 80 42.28 19.08 25.47
N VAL A 81 43.50 18.69 25.81
CA VAL A 81 44.69 19.55 25.90
C VAL A 81 45.87 18.73 25.38
N LYS A 82 47.02 19.38 25.19
CA LYS A 82 48.29 18.72 24.86
C LYS A 82 48.70 17.51 25.73
N GLY A 83 49.38 16.55 25.11
CA GLY A 83 50.05 15.45 25.80
C GLY A 83 49.16 14.44 26.49
N GLN A 84 48.08 14.04 25.82
CA GLN A 84 47.13 13.09 26.38
C GLN A 84 46.18 12.53 25.29
N GLN A 85 45.68 11.33 25.52
CA GLN A 85 44.81 10.65 24.56
C GLN A 85 43.34 11.03 24.72
N TYR A 86 42.56 10.68 23.71
CA TYR A 86 41.11 10.89 23.71
C TYR A 86 40.46 9.97 22.67
N ASP A 87 39.32 9.37 23.05
CA ASP A 87 38.65 8.33 22.25
C ASP A 87 37.36 8.88 21.61
N ILE A 88 37.12 8.54 20.34
CA ILE A 88 35.94 9.01 19.60
C ILE A 88 35.29 7.89 18.75
N LYS A 89 33.99 7.64 19.01
CA LYS A 89 33.21 6.62 18.30
C LYS A 89 32.18 7.32 17.41
N TYR A 90 32.46 7.36 16.11
CA TYR A 90 31.76 8.25 15.17
C TYR A 90 30.91 7.51 14.10
N THR A 91 29.69 8.02 13.84
CA THR A 91 28.73 7.41 12.88
C THR A 91 28.32 8.36 11.75
N TRP A 92 28.61 7.98 10.51
CA TRP A 92 27.99 8.61 9.34
C TRP A 92 27.01 7.67 8.60
N ASN A 93 25.79 8.17 8.35
CA ASN A 93 24.75 7.41 7.65
C ASN A 93 24.87 7.58 6.16
N VAL A 94 25.07 6.49 5.45
CA VAL A 94 25.36 6.56 4.02
C VAL A 94 24.03 6.66 3.29
N PRO A 95 23.88 7.66 2.40
CA PRO A 95 22.68 7.75 1.59
C PRO A 95 22.48 6.53 0.72
N LYS A 96 21.23 6.06 0.63
CA LYS A 96 20.84 4.89 -0.18
C LYS A 96 21.29 4.99 -1.64
N ILE A 97 21.23 6.20 -2.19
CA ILE A 97 21.63 6.49 -3.58
C ILE A 97 23.15 6.55 -3.85
N ALA A 98 23.96 6.56 -2.80
CA ALA A 98 25.40 6.69 -2.94
C ALA A 98 25.97 5.76 -4.02
N PRO A 99 26.93 6.25 -4.83
CA PRO A 99 27.43 5.42 -5.94
C PRO A 99 28.21 4.21 -5.42
N LYS A 100 28.12 3.08 -6.10
CA LYS A 100 28.92 1.89 -5.72
C LYS A 100 30.34 1.99 -6.30
N SER A 101 31.33 1.60 -5.51
CA SER A 101 32.70 1.53 -5.96
C SER A 101 33.57 0.53 -5.20
N GLU A 102 34.44 -0.14 -5.97
CA GLU A 102 35.51 -0.98 -5.43
C GLU A 102 36.86 -0.26 -5.28
N ASN A 103 36.90 1.05 -5.51
CA ASN A 103 38.13 1.85 -5.42
C ASN A 103 37.87 3.17 -4.74
N VAL A 104 37.92 3.15 -3.43
CA VAL A 104 37.55 4.26 -2.60
C VAL A 104 38.73 4.65 -1.75
N VAL A 105 38.91 5.95 -1.58
CA VAL A 105 39.90 6.51 -0.66
C VAL A 105 39.18 7.50 0.26
N VAL A 106 39.14 7.18 1.55
CA VAL A 106 38.55 8.04 2.58
C VAL A 106 39.66 8.77 3.33
N THR A 107 39.51 10.09 3.46
CA THR A 107 40.50 10.97 4.09
C THR A 107 39.81 11.80 5.17
N VAL A 108 40.28 11.64 6.41
CA VAL A 108 39.72 12.36 7.57
C VAL A 108 40.84 13.09 8.31
N LYS A 109 40.57 14.35 8.63
CA LYS A 109 41.49 15.14 9.45
C LYS A 109 40.73 16.17 10.28
N VAL A 110 41.39 16.69 11.30
CA VAL A 110 40.83 17.69 12.18
C VAL A 110 41.82 18.84 12.33
N ASP A 113 42.69 24.60 16.55
CA ASP A 113 42.85 25.91 17.15
C ASP A 113 43.95 26.72 16.47
N ASN A 114 45.14 26.13 16.38
CA ASN A 114 46.28 26.70 15.65
C ASN A 114 46.91 25.61 14.77
N GLY A 115 46.18 25.20 13.74
CA GLY A 115 46.61 24.12 12.82
C GLY A 115 45.75 22.87 12.97
N VAL A 116 46.34 21.71 12.63
CA VAL A 116 45.61 20.43 12.61
C VAL A 116 45.94 19.54 13.83
N LEU A 117 44.94 18.77 14.27
CA LEU A 117 45.05 17.88 15.43
C LEU A 117 45.47 16.46 15.03
N ALA A 118 44.69 15.83 14.15
CA ALA A 118 44.96 14.46 13.68
C ALA A 118 44.60 14.30 12.21
N CYS A 119 45.11 13.22 11.59
CA CYS A 119 44.86 12.95 10.17
C CYS A 119 45.08 11.46 9.82
N ALA A 120 44.25 10.96 8.89
CA ALA A 120 44.33 9.57 8.43
C ALA A 120 43.74 9.36 7.04
N ILE A 121 44.24 8.33 6.38
CA ILE A 121 43.81 7.94 5.04
C ILE A 121 43.57 6.44 5.00
N ALA A 122 42.36 6.05 4.61
CA ALA A 122 41.94 4.65 4.48
C ALA A 122 41.58 4.34 3.02
N THR A 123 42.14 3.26 2.49
CA THR A 123 42.06 2.98 1.04
C THR A 123 41.35 1.68 0.68
N HIS A 124 40.85 0.94 1.68
CA HIS A 124 40.25 -0.38 1.47
C HIS A 124 38.72 -0.46 1.72
N ALA A 125 38.06 0.70 1.77
CA ALA A 125 36.60 0.71 1.83
C ALA A 125 36.08 0.39 0.44
N LYS A 126 34.99 -0.37 0.41
CA LYS A 126 34.27 -0.70 -0.82
C LYS A 126 32.81 -0.37 -0.59
N ILE A 127 32.21 0.43 -1.48
CA ILE A 127 30.80 0.80 -1.34
C ILE A 127 29.91 -0.13 -2.15
N ARG A 128 28.96 -0.80 -1.49
CA ARG A 128 28.11 -1.84 -2.12
C ARG A 128 26.66 -1.80 -1.66
N ASP A 129 25.88 -2.77 -2.26
CA ASP A 129 24.45 -3.11 -2.03
C ASP A 129 23.37 -2.54 -3.02
N ASP B 1 16.38 -14.97 1.40
CA ASP B 1 15.10 -14.25 1.71
C ASP B 1 14.81 -14.28 3.20
N ILE B 2 14.62 -13.09 3.78
CA ILE B 2 14.12 -12.96 5.14
C ILE B 2 12.60 -13.13 5.10
N VAL B 3 12.11 -14.22 5.69
CA VAL B 3 10.65 -14.45 5.78
C VAL B 3 10.13 -13.72 7.00
N LEU B 4 9.00 -13.02 6.83
CA LEU B 4 8.33 -12.35 7.94
C LEU B 4 6.97 -12.96 8.20
N THR B 5 6.76 -13.52 9.38
CA THR B 5 5.51 -14.20 9.72
C THR B 5 4.71 -13.34 10.72
N GLN B 6 3.46 -13.04 10.36
CA GLN B 6 2.58 -12.28 11.22
C GLN B 6 1.76 -13.21 12.11
N SER B 7 1.58 -12.80 13.36
CA SER B 7 0.71 -13.49 14.26
C SER B 7 -0.03 -12.41 15.02
N PRO B 8 -1.37 -12.41 14.99
CA PRO B 8 -2.22 -13.29 14.20
C PRO B 8 -2.40 -12.82 12.75
N ALA B 9 -2.94 -13.70 11.92
CA ALA B 9 -3.33 -13.35 10.56
C ALA B 9 -4.57 -12.46 10.56
N SER B 10 -5.50 -12.74 11.44
CA SER B 10 -6.72 -11.93 11.57
C SER B 10 -7.08 -11.71 13.05
N LEU B 11 -7.74 -10.59 13.30
CA LEU B 11 -7.93 -10.10 14.65
C LEU B 11 -9.18 -9.21 14.66
N ALA B 12 -10.04 -9.44 15.65
CA ALA B 12 -11.23 -8.62 15.89
C ALA B 12 -11.13 -7.99 17.29
N VAL B 13 -11.12 -6.65 17.32
CA VAL B 13 -10.94 -5.87 18.53
C VAL B 13 -12.05 -4.84 18.70
N SER B 14 -12.50 -4.67 19.94
CA SER B 14 -13.51 -3.69 20.30
C SER B 14 -12.95 -2.29 20.37
N LEU B 15 -13.81 -1.30 20.13
CA LEU B 15 -13.46 0.09 20.25
C LEU B 15 -12.90 0.41 21.60
N GLY B 16 -11.78 1.10 21.62
CA GLY B 16 -11.11 1.47 22.85
C GLY B 16 -10.15 0.43 23.36
N GLN B 17 -10.15 -0.78 22.79
CA GLN B 17 -9.30 -1.86 23.28
C GLN B 17 -7.95 -1.98 22.50
N ARG B 18 -7.14 -2.94 22.90
CA ARG B 18 -5.82 -3.09 22.34
C ARG B 18 -5.81 -4.12 21.25
N ALA B 19 -5.10 -3.83 20.19
CA ALA B 19 -4.81 -4.78 19.13
C ALA B 19 -3.31 -4.99 19.13
N THR B 20 -2.87 -6.23 19.25
CA THR B 20 -1.44 -6.55 19.32
C THR B 20 -1.08 -7.43 18.15
N ILE B 21 -0.15 -6.96 17.32
CA ILE B 21 0.22 -7.63 16.07
C ILE B 21 1.68 -7.90 16.16
N SER B 22 2.03 -9.19 16.10
CA SER B 22 3.40 -9.64 16.05
C SER B 22 3.91 -9.93 14.65
N CYS B 23 5.18 -9.65 14.47
CA CYS B 23 5.92 -9.92 13.26
C CYS B 23 7.21 -10.61 13.69
N LYS B 24 7.41 -11.80 13.16
CA LYS B 24 8.58 -12.62 13.45
C LYS B 24 9.43 -12.74 12.18
N ALA B 25 10.67 -12.28 12.24
CA ALA B 25 11.61 -12.44 11.11
C ALA B 25 12.42 -13.73 11.24
N SER B 26 12.70 -14.38 10.11
CA SER B 26 13.48 -15.63 10.08
C SER B 26 14.98 -15.48 10.36
N GLN B 27 15.49 -14.26 10.25
CA GLN B 27 16.83 -13.92 10.74
C GLN B 27 16.84 -12.44 11.14
N SER B 28 17.85 -12.05 11.91
CA SER B 28 17.94 -10.69 12.49
C SER B 28 17.85 -9.62 11.40
N VAL B 29 17.06 -8.59 11.65
CA VAL B 29 17.00 -7.41 10.76
C VAL B 29 17.79 -6.21 11.32
N ASP B 30 18.59 -6.42 12.38
CA ASP B 30 19.41 -5.36 12.96
C ASP B 30 20.68 -5.16 12.13
N TYR B 31 21.11 -3.90 12.01
CA TYR B 31 22.43 -3.57 11.50
C TYR B 31 22.85 -2.19 11.99
N GLY B 32 24.04 -2.12 12.58
CA GLY B 32 24.67 -0.87 12.97
C GLY B 32 23.90 -0.04 13.95
N GLY B 33 23.18 -0.69 14.86
CA GLY B 33 22.44 0.00 15.91
C GLY B 33 20.99 0.24 15.63
N ASN B 34 20.53 0.00 14.39
CA ASN B 34 19.13 0.11 14.02
C ASN B 34 18.56 -1.23 13.67
N SER B 35 17.22 -1.31 13.81
CA SER B 35 16.40 -2.46 13.43
C SER B 35 15.54 -2.07 12.24
N TYR B 36 15.74 -2.75 11.10
CA TYR B 36 15.18 -2.34 9.82
C TYR B 36 13.87 -3.08 9.51
N VAL B 37 12.85 -2.76 10.30
CA VAL B 37 11.50 -3.24 10.07
C VAL B 37 10.59 -2.03 10.14
N ASN B 38 9.70 -1.90 9.15
CA ASN B 38 8.73 -0.82 9.09
C ASN B 38 7.31 -1.40 9.13
N TRP B 39 6.35 -0.61 9.57
CA TRP B 39 4.96 -1.04 9.63
C TRP B 39 4.06 -0.16 8.73
N TYR B 40 3.24 -0.82 7.90
CA TYR B 40 2.30 -0.18 6.96
C TYR B 40 0.85 -0.53 7.28
N GLN B 41 -0.06 0.36 6.88
CA GLN B 41 -1.50 0.18 6.99
C GLN B 41 -2.04 0.30 5.57
N GLN B 42 -2.80 -0.69 5.15
CA GLN B 42 -3.52 -0.57 3.91
C GLN B 42 -5.04 -0.71 4.06
N LYS B 43 -5.75 0.31 3.60
CA LYS B 43 -7.21 0.28 3.53
C LYS B 43 -7.56 -0.18 2.13
N PRO B 44 -8.69 -0.90 1.95
CA PRO B 44 -9.15 -1.35 0.62
C PRO B 44 -9.12 -0.25 -0.45
N GLY B 45 -8.61 -0.59 -1.63
CA GLY B 45 -8.49 0.36 -2.74
C GLY B 45 -7.38 1.39 -2.62
N GLN B 46 -6.58 1.35 -1.55
CA GLN B 46 -5.61 2.41 -1.28
C GLN B 46 -4.22 1.87 -1.20
N PRO B 47 -3.22 2.72 -1.39
CA PRO B 47 -1.83 2.34 -1.24
C PRO B 47 -1.48 2.10 0.23
N PRO B 48 -0.43 1.33 0.51
CA PRO B 48 0.04 1.25 1.89
C PRO B 48 0.52 2.62 2.44
N LYS B 49 0.20 2.89 3.69
CA LYS B 49 0.65 4.07 4.36
C LYS B 49 1.57 3.67 5.54
N LEU B 50 2.75 4.29 5.61
CA LEU B 50 3.77 3.99 6.60
C LEU B 50 3.36 4.58 7.92
N LEU B 51 3.36 3.74 8.96
CA LEU B 51 3.11 4.17 10.32
C LEU B 51 4.37 4.38 11.15
N ILE B 52 5.21 3.36 11.09
CA ILE B 52 6.37 3.21 11.96
C ILE B 52 7.54 2.82 11.09
N TYR B 53 8.65 3.51 11.29
CA TYR B 53 9.89 3.19 10.60
C TYR B 53 10.97 2.81 11.64
N ALA B 54 11.84 1.89 11.21
CA ALA B 54 12.95 1.36 12.02
C ALA B 54 12.49 0.89 13.37
N ALA B 55 11.44 0.09 13.35
CA ALA B 55 10.82 -0.60 14.46
C ALA B 55 10.00 0.25 15.44
N SER B 56 10.56 1.35 15.90
CA SER B 56 9.98 2.12 17.00
C SER B 56 9.83 3.60 16.74
N ASN B 57 9.96 4.06 15.50
CA ASN B 57 9.78 5.50 15.26
C ASN B 57 8.41 5.76 14.67
N LEU B 58 7.64 6.60 15.35
CA LEU B 58 6.30 6.94 14.90
C LEU B 58 6.41 7.98 13.81
N LYS B 59 5.87 7.69 12.64
CA LYS B 59 5.93 8.65 11.54
C LYS B 59 5.05 9.85 11.84
N SER B 60 5.53 11.03 11.46
CA SER B 60 4.86 12.30 11.75
C SER B 60 3.47 12.29 11.13
N GLY B 61 2.49 12.80 11.88
CA GLY B 61 1.08 12.76 11.44
C GLY B 61 0.31 11.48 11.75
N ILE B 62 1.01 10.45 12.24
CA ILE B 62 0.35 9.21 12.73
C ILE B 62 0.18 9.37 14.24
N PRO B 63 -1.06 9.17 14.74
CA PRO B 63 -1.27 9.35 16.18
C PRO B 63 -0.55 8.28 17.04
N ALA B 64 -0.30 8.60 18.30
CA ALA B 64 0.51 7.76 19.18
C ALA B 64 -0.27 6.53 19.71
N ARG B 65 -1.56 6.45 19.38
CA ARG B 65 -2.34 5.21 19.43
C ARG B 65 -1.60 4.02 18.81
N PHE B 66 -0.82 4.29 17.75
CA PHE B 66 0.06 3.28 17.17
C PHE B 66 1.43 3.33 17.85
N SER B 67 1.95 2.15 18.14
CA SER B 67 3.13 1.95 18.96
C SER B 67 3.89 0.72 18.44
N GLY B 68 5.10 0.95 17.98
CA GLY B 68 5.98 -0.10 17.46
C GLY B 68 7.09 -0.40 18.45
N SER B 69 7.39 -1.67 18.64
CA SER B 69 8.48 -2.04 19.53
C SER B 69 9.15 -3.27 18.96
N GLY B 70 10.37 -3.54 19.42
CA GLY B 70 11.05 -4.79 19.16
C GLY B 70 12.38 -4.57 18.49
N SER B 71 13.16 -5.64 18.43
CA SER B 71 14.47 -5.64 17.79
C SER B 71 14.75 -7.05 17.36
N GLY B 72 15.79 -7.21 16.56
CA GLY B 72 16.34 -8.52 16.18
C GLY B 72 15.44 -9.27 15.22
N THR B 73 14.69 -10.22 15.77
CA THR B 73 13.76 -11.04 14.99
C THR B 73 12.31 -10.95 15.43
N ASP B 74 12.03 -10.17 16.47
CA ASP B 74 10.70 -10.11 17.11
C ASP B 74 10.14 -8.67 17.20
N PHE B 75 9.13 -8.39 16.40
CA PHE B 75 8.56 -7.03 16.36
C PHE B 75 7.08 -7.02 16.68
N THR B 76 6.63 -5.91 17.28
CA THR B 76 5.27 -5.75 17.71
C THR B 76 4.71 -4.38 17.33
N LEU B 77 3.50 -4.39 16.76
CA LEU B 77 2.69 -3.20 16.59
C LEU B 77 1.52 -3.32 17.53
N ASN B 78 1.34 -2.30 18.37
CA ASN B 78 0.18 -2.17 19.28
C ASN B 78 -0.62 -0.95 18.82
N ILE B 79 -1.93 -1.11 18.74
CA ILE B 79 -2.88 -0.03 18.41
C ILE B 79 -3.80 0.04 19.63
N HIS B 80 -3.74 1.16 20.36
CA HIS B 80 -4.38 1.24 21.67
C HIS B 80 -4.55 2.72 22.07
N PRO B 81 -5.76 3.30 21.99
CA PRO B 81 -7.03 2.61 21.74
C PRO B 81 -7.38 2.42 20.25
N VAL B 82 -7.98 1.26 19.93
CA VAL B 82 -8.49 1.01 18.58
C VAL B 82 -9.68 1.92 18.30
N GLU B 83 -9.75 2.39 17.07
CA GLU B 83 -10.83 3.26 16.63
C GLU B 83 -11.40 2.73 15.32
N GLU B 84 -12.56 3.23 14.92
CA GLU B 84 -13.33 2.73 13.75
C GLU B 84 -12.50 2.77 12.47
N GLU B 85 -11.76 3.86 12.32
CA GLU B 85 -10.95 4.09 11.17
C GLU B 85 -9.75 3.16 11.04
N ASP B 86 -9.50 2.31 12.04
CA ASP B 86 -8.40 1.33 11.99
C ASP B 86 -8.71 0.02 11.25
N ALA B 87 -9.97 -0.18 10.85
CA ALA B 87 -10.31 -1.30 9.98
C ALA B 87 -9.42 -1.25 8.74
N ALA B 88 -8.51 -2.22 8.62
CA ALA B 88 -7.52 -2.24 7.55
C ALA B 88 -6.68 -3.49 7.66
N THR B 89 -5.68 -3.60 6.78
CA THR B 89 -4.72 -4.68 6.88
C THR B 89 -3.35 -4.06 7.16
N TYR B 90 -2.58 -4.70 8.02
CA TYR B 90 -1.30 -4.18 8.47
C TYR B 90 -0.18 -5.16 8.06
N TYR B 91 0.91 -4.61 7.51
CA TYR B 91 2.06 -5.36 7.01
C TYR B 91 3.30 -4.87 7.74
N CYS B 92 4.12 -5.79 8.25
CA CYS B 92 5.51 -5.51 8.55
C CYS B 92 6.37 -5.71 7.29
N GLN B 93 7.57 -5.12 7.29
CA GLN B 93 8.43 -5.14 6.12
C GLN B 93 9.86 -4.81 6.52
N GLN B 94 10.81 -5.54 5.94
CA GLN B 94 12.19 -5.49 6.36
C GLN B 94 13.06 -4.89 5.29
N SER B 95 13.92 -3.98 5.72
CA SER B 95 14.86 -3.30 4.84
C SER B 95 16.31 -3.56 5.22
N ASN B 96 16.56 -4.69 5.86
CA ASN B 96 17.90 -5.04 6.31
C ASN B 96 18.75 -5.47 5.12
N GLU B 97 18.21 -6.33 4.26
CA GLU B 97 18.93 -6.77 3.05
C GLU B 97 18.04 -7.17 1.87
N ASP B 98 18.64 -7.14 0.68
CA ASP B 98 17.96 -7.52 -0.57
C ASP B 98 17.72 -9.04 -0.61
N PRO B 99 16.52 -9.51 -0.98
CA PRO B 99 15.38 -8.67 -1.35
C PRO B 99 14.60 -8.17 -0.13
N TRP B 100 14.19 -6.91 -0.17
CA TRP B 100 13.24 -6.39 0.82
C TRP B 100 12.00 -7.24 0.76
N THR B 101 11.42 -7.55 1.92
CA THR B 101 10.25 -8.44 1.97
C THR B 101 9.17 -7.87 2.86
N PHE B 102 7.93 -8.20 2.50
CA PHE B 102 6.76 -7.91 3.30
C PHE B 102 6.31 -9.18 3.97
N GLY B 103 5.71 -9.00 5.16
CA GLY B 103 4.98 -10.08 5.82
C GLY B 103 3.66 -10.34 5.12
N GLY B 104 3.02 -11.46 5.44
CA GLY B 104 1.75 -11.83 4.81
C GLY B 104 0.58 -10.95 5.23
N GLY B 105 0.70 -10.29 6.39
CA GLY B 105 -0.30 -9.31 6.87
C GLY B 105 -1.29 -9.81 7.93
N THR B 106 -1.90 -8.82 8.59
CA THR B 106 -2.91 -9.03 9.60
C THR B 106 -4.11 -8.12 9.27
N LYS B 107 -5.28 -8.74 9.08
CA LYS B 107 -6.51 -7.99 8.81
C LYS B 107 -7.16 -7.67 10.15
N LEU B 108 -7.38 -6.40 10.44
CA LEU B 108 -7.98 -6.00 11.71
C LEU B 108 -9.43 -5.68 11.50
N GLU B 109 -10.30 -6.41 12.20
CA GLU B 109 -11.73 -6.17 12.21
C GLU B 109 -12.07 -5.41 13.51
N ILE B 110 -12.92 -4.40 13.38
CA ILE B 110 -13.43 -3.67 14.53
C ILE B 110 -14.72 -4.31 15.04
N LYS B 111 -14.68 -4.85 16.26
CA LYS B 111 -15.88 -5.35 16.93
C LYS B 111 -16.84 -4.20 17.24
N ARG B 112 -18.07 -4.34 16.80
CA ARG B 112 -19.15 -3.49 17.24
C ARG B 112 -20.30 -4.39 17.69
N ALA B 113 -21.34 -3.76 18.23
CA ALA B 113 -22.56 -4.47 18.60
C ALA B 113 -23.22 -5.06 17.35
N ASP B 114 -23.95 -6.15 17.53
CA ASP B 114 -24.69 -6.76 16.46
C ASP B 114 -25.75 -5.82 15.91
N ALA B 115 -25.96 -5.87 14.61
CA ALA B 115 -27.05 -5.09 14.00
C ALA B 115 -27.64 -5.90 12.87
N ALA B 116 -28.98 -5.90 12.78
CA ALA B 116 -29.69 -6.65 11.75
C ALA B 116 -29.60 -5.85 10.45
N PRO B 117 -29.60 -6.54 9.30
CA PRO B 117 -29.58 -5.86 8.02
C PRO B 117 -30.88 -5.14 7.70
N THR B 118 -30.78 -4.01 7.01
CA THR B 118 -31.93 -3.40 6.36
C THR B 118 -32.04 -4.05 4.99
N VAL B 119 -33.19 -4.66 4.70
CA VAL B 119 -33.37 -5.43 3.48
C VAL B 119 -34.28 -4.64 2.54
N SER B 120 -33.96 -4.71 1.25
CA SER B 120 -34.71 -4.05 0.17
C SER B 120 -34.57 -4.92 -1.05
N ILE B 121 -35.65 -5.04 -1.80
CA ILE B 121 -35.71 -5.85 -3.02
C ILE B 121 -36.16 -4.94 -4.14
N PHE B 122 -35.70 -5.22 -5.35
CA PHE B 122 -36.04 -4.43 -6.51
C PHE B 122 -36.37 -5.32 -7.69
N PRO B 123 -37.46 -5.02 -8.41
CA PRO B 123 -37.76 -5.75 -9.61
C PRO B 123 -36.84 -5.32 -10.74
N PRO B 124 -36.74 -6.17 -11.81
CA PRO B 124 -36.01 -5.72 -12.96
C PRO B 124 -36.63 -4.45 -13.51
N SER B 125 -35.78 -3.54 -13.96
CA SER B 125 -36.23 -2.30 -14.52
C SER B 125 -36.81 -2.57 -15.90
N SER B 126 -37.71 -1.69 -16.36
CA SER B 126 -38.34 -1.86 -17.68
C SER B 126 -37.28 -1.74 -18.79
N GLU B 127 -36.31 -0.84 -18.60
CA GLU B 127 -35.16 -0.70 -19.51
C GLU B 127 -34.45 -2.04 -19.73
N GLN B 128 -34.15 -2.75 -18.63
CA GLN B 128 -33.48 -4.03 -18.75
C GLN B 128 -34.35 -5.06 -19.48
N LEU B 129 -35.63 -5.13 -19.15
CA LEU B 129 -36.56 -6.03 -19.87
C LEU B 129 -36.53 -5.87 -21.40
N THR B 130 -36.33 -4.66 -21.89
CA THR B 130 -36.24 -4.42 -23.36
C THR B 130 -35.00 -5.05 -24.01
N SER B 131 -33.96 -5.32 -23.23
CA SER B 131 -32.76 -6.00 -23.74
C SER B 131 -32.86 -7.54 -23.74
N GLY B 132 -33.88 -8.09 -23.08
CA GLY B 132 -34.04 -9.55 -22.94
C GLY B 132 -33.60 -10.13 -21.61
N GLY B 133 -33.00 -9.31 -20.74
CA GLY B 133 -32.60 -9.74 -19.40
C GLY B 133 -33.58 -9.33 -18.31
N ALA B 134 -33.34 -9.82 -17.10
CA ALA B 134 -34.10 -9.46 -15.92
C ALA B 134 -33.33 -9.82 -14.65
N SER B 135 -32.79 -8.82 -13.98
CA SER B 135 -32.02 -9.04 -12.75
C SER B 135 -32.87 -8.53 -11.60
N VAL B 136 -33.09 -9.40 -10.62
CA VAL B 136 -33.75 -9.04 -9.38
C VAL B 136 -32.62 -8.77 -8.38
N VAL B 137 -32.69 -7.62 -7.71
CA VAL B 137 -31.61 -7.23 -6.80
C VAL B 137 -32.13 -7.15 -5.36
N CYS B 138 -31.36 -7.73 -4.43
CA CYS B 138 -31.60 -7.55 -3.00
C CYS B 138 -30.39 -6.91 -2.30
N PHE B 139 -30.63 -5.80 -1.59
CA PHE B 139 -29.59 -5.17 -0.77
C PHE B 139 -29.79 -5.54 0.69
N LEU B 140 -28.73 -6.03 1.32
CA LEU B 140 -28.67 -6.31 2.76
C LEU B 140 -27.68 -5.29 3.35
N ASN B 141 -28.17 -4.21 3.95
CA ASN B 141 -27.33 -3.09 4.35
C ASN B 141 -27.13 -2.92 5.84
N ASN B 142 -25.88 -2.61 6.22
CA ASN B 142 -25.53 -2.14 7.56
C ASN B 142 -25.75 -3.17 8.68
N PHE B 143 -25.16 -4.34 8.48
CA PHE B 143 -25.26 -5.37 9.48
C PHE B 143 -23.90 -5.75 10.08
N TYR B 144 -23.98 -6.40 11.24
CA TYR B 144 -22.85 -6.95 11.95
C TYR B 144 -23.35 -8.14 12.78
N PRO B 145 -22.68 -9.30 12.75
CA PRO B 145 -21.40 -9.51 12.08
C PRO B 145 -21.57 -9.85 10.59
N LYS B 146 -20.45 -10.01 9.91
CA LYS B 146 -20.39 -10.30 8.48
C LYS B 146 -21.19 -11.53 8.01
N ASP B 147 -21.24 -12.56 8.85
CA ASP B 147 -21.89 -13.79 8.45
C ASP B 147 -23.38 -13.58 8.25
N ILE B 148 -23.92 -14.03 7.11
CA ILE B 148 -25.32 -13.89 6.79
C ILE B 148 -25.72 -14.77 5.60
N ASN B 149 -26.98 -15.19 5.57
CA ASN B 149 -27.53 -15.98 4.46
C ASN B 149 -28.67 -15.29 3.74
N VAL B 150 -28.69 -15.46 2.42
CA VAL B 150 -29.85 -15.04 1.62
C VAL B 150 -30.43 -16.20 0.83
N ALA B 151 -31.75 -16.28 0.86
CA ALA B 151 -32.52 -17.29 0.16
C ALA B 151 -33.43 -16.57 -0.84
N TRP B 152 -33.44 -17.05 -2.08
CA TRP B 152 -34.33 -16.53 -3.14
C TRP B 152 -35.55 -17.44 -3.34
N LYS B 153 -36.72 -16.82 -3.45
CA LYS B 153 -37.98 -17.56 -3.65
C LYS B 153 -38.82 -16.96 -4.80
N ILE B 154 -39.32 -17.85 -5.65
CA ILE B 154 -40.17 -17.53 -6.79
C ILE B 154 -41.44 -18.35 -6.67
N ASP B 155 -42.59 -17.67 -6.57
CA ASP B 155 -43.90 -18.31 -6.33
C ASP B 155 -43.90 -19.24 -5.12
N GLY B 156 -43.19 -18.85 -4.05
CA GLY B 156 -43.06 -19.67 -2.84
C GLY B 156 -41.98 -20.75 -2.83
N SER B 157 -41.33 -20.99 -3.98
CA SER B 157 -40.34 -22.06 -4.16
C SER B 157 -38.91 -21.53 -4.22
N GLU B 158 -37.98 -22.29 -3.65
CA GLU B 158 -36.59 -21.89 -3.53
C GLU B 158 -35.82 -21.96 -4.84
N ARG B 159 -34.87 -21.04 -5.02
CA ARG B 159 -34.11 -20.86 -6.26
C ARG B 159 -32.60 -20.75 -6.03
N GLN B 160 -31.81 -21.66 -6.62
CA GLN B 160 -30.33 -21.72 -6.44
C GLN B 160 -29.48 -21.12 -7.58
N ASN B 161 -29.74 -21.56 -8.82
CA ASN B 161 -28.97 -21.08 -10.01
C ASN B 161 -29.10 -19.56 -10.26
N GLY B 162 -28.05 -18.96 -10.82
CA GLY B 162 -28.08 -17.55 -11.24
C GLY B 162 -28.02 -16.46 -10.16
N VAL B 163 -27.70 -16.85 -8.92
CA VAL B 163 -27.55 -15.93 -7.78
C VAL B 163 -26.08 -15.62 -7.57
N LEU B 164 -25.78 -14.33 -7.41
CA LEU B 164 -24.42 -13.84 -7.18
C LEU B 164 -24.44 -12.76 -6.10
N ASN B 165 -23.50 -12.87 -5.16
CA ASN B 165 -23.45 -12.06 -3.93
C ASN B 165 -22.12 -11.34 -3.79
N SER B 166 -22.16 -10.19 -3.13
CA SER B 166 -21.02 -9.31 -3.05
C SER B 166 -21.16 -8.48 -1.79
N TRP B 167 -20.22 -8.71 -0.88
CA TRP B 167 -20.13 -8.01 0.39
C TRP B 167 -19.23 -6.80 0.22
N THR B 168 -19.56 -5.71 0.90
CA THR B 168 -18.61 -4.60 1.02
C THR B 168 -17.56 -4.95 2.07
N ASP B 169 -16.48 -4.18 2.08
CA ASP B 169 -15.47 -4.22 3.13
C ASP B 169 -16.06 -3.47 4.36
N GLN B 170 -15.48 -3.73 5.53
CA GLN B 170 -15.96 -3.13 6.78
C GLN B 170 -15.97 -1.61 6.67
N ASP B 171 -17.13 -1.01 6.89
CA ASP B 171 -17.27 0.44 6.86
C ASP B 171 -16.31 1.12 7.85
N SER B 172 -15.61 2.14 7.36
CA SER B 172 -14.60 2.83 8.15
C SER B 172 -15.19 3.78 9.20
N LYS B 173 -16.47 4.10 9.12
CA LYS B 173 -17.14 4.97 10.10
C LYS B 173 -18.02 4.25 11.13
N ASP B 174 -18.87 3.33 10.66
CA ASP B 174 -19.81 2.62 11.54
C ASP B 174 -19.54 1.11 11.75
N SER B 175 -18.52 0.58 11.10
CA SER B 175 -18.04 -0.80 11.32
C SER B 175 -19.01 -1.92 10.88
N THR B 176 -20.00 -1.57 10.05
CA THR B 176 -20.94 -2.55 9.53
C THR B 176 -20.44 -3.13 8.21
N TYR B 177 -21.10 -4.21 7.79
CA TYR B 177 -20.95 -4.73 6.44
C TYR B 177 -22.30 -4.65 5.75
N SER B 178 -22.25 -4.66 4.42
CA SER B 178 -23.42 -4.68 3.57
C SER B 178 -23.17 -5.71 2.48
N MET B 179 -24.22 -6.28 1.96
CA MET B 179 -24.12 -7.32 0.93
C MET B 179 -25.29 -7.18 -0.06
N SER B 180 -24.99 -7.40 -1.35
CA SER B 180 -25.95 -7.38 -2.41
C SER B 180 -26.17 -8.81 -2.87
N SER B 181 -27.31 -9.08 -3.49
CA SER B 181 -27.62 -10.40 -4.03
C SER B 181 -28.41 -10.20 -5.29
N THR B 182 -27.88 -10.69 -6.41
CA THR B 182 -28.42 -10.41 -7.72
C THR B 182 -28.81 -11.73 -8.39
N LEU B 183 -30.12 -11.92 -8.55
CA LEU B 183 -30.67 -13.07 -9.25
C LEU B 183 -30.90 -12.61 -10.67
N THR B 184 -30.18 -13.21 -11.61
CA THR B 184 -30.26 -12.85 -13.02
C THR B 184 -30.99 -13.94 -13.78
N LEU B 185 -31.99 -13.51 -14.56
CA LEU B 185 -32.80 -14.39 -15.40
C LEU B 185 -33.00 -13.76 -16.78
N THR B 186 -33.53 -14.56 -17.70
CA THR B 186 -34.01 -14.05 -18.98
C THR B 186 -35.38 -13.43 -18.79
N LYS B 187 -35.74 -12.51 -19.67
CA LYS B 187 -37.07 -11.90 -19.72
C LYS B 187 -38.17 -12.96 -19.67
N ASP B 188 -38.01 -14.03 -20.45
CA ASP B 188 -39.04 -15.06 -20.54
C ASP B 188 -39.23 -15.83 -19.24
N GLU B 189 -38.12 -16.26 -18.61
CA GLU B 189 -38.15 -16.91 -17.30
C GLU B 189 -38.85 -16.03 -16.26
N TYR B 190 -38.50 -14.75 -16.27
CA TYR B 190 -39.04 -13.76 -15.34
C TYR B 190 -40.56 -13.65 -15.39
N GLU B 191 -41.09 -13.48 -16.61
CA GLU B 191 -42.52 -13.32 -16.86
C GLU B 191 -43.36 -14.60 -16.63
N ARG B 192 -42.70 -15.77 -16.60
CA ARG B 192 -43.33 -17.05 -16.21
C ARG B 192 -43.78 -17.18 -14.73
N HIS B 193 -43.35 -16.28 -13.85
CA HIS B 193 -43.78 -16.30 -12.44
C HIS B 193 -44.20 -14.92 -11.98
N ASN B 194 -44.78 -14.86 -10.79
CA ASN B 194 -45.34 -13.62 -10.24
C ASN B 194 -44.61 -13.09 -8.98
N SER B 195 -44.48 -13.94 -7.97
CA SER B 195 -44.03 -13.54 -6.64
C SER B 195 -42.52 -13.73 -6.49
N TYR B 196 -41.80 -12.69 -6.08
CA TYR B 196 -40.35 -12.79 -5.95
C TYR B 196 -39.93 -12.35 -4.57
N THR B 197 -39.20 -13.23 -3.87
CA THR B 197 -38.92 -13.05 -2.44
C THR B 197 -37.42 -13.21 -2.09
N CYS B 198 -36.94 -12.27 -1.29
CA CYS B 198 -35.59 -12.23 -0.75
C CYS B 198 -35.73 -12.43 0.75
N GLU B 199 -35.04 -13.43 1.32
CA GLU B 199 -35.07 -13.71 2.78
C GLU B 199 -33.68 -13.69 3.36
N ALA B 200 -33.46 -12.71 4.25
CA ALA B 200 -32.19 -12.56 4.96
C ALA B 200 -32.28 -13.22 6.31
N THR B 201 -31.35 -14.14 6.59
CA THR B 201 -31.25 -14.78 7.89
C THR B 201 -29.93 -14.37 8.52
N HIS B 202 -30.00 -13.88 9.75
CA HIS B 202 -28.87 -13.27 10.43
C HIS B 202 -28.96 -13.60 11.91
N LYS B 203 -27.79 -13.70 12.53
CA LYS B 203 -27.56 -13.90 13.96
C LYS B 203 -28.57 -13.22 14.88
N THR B 204 -28.86 -11.96 14.56
CA THR B 204 -29.68 -11.08 15.37
C THR B 204 -31.13 -11.55 15.57
N SER B 205 -31.65 -12.36 14.64
CA SER B 205 -32.96 -12.98 14.81
C SER B 205 -33.14 -14.34 14.09
N THR B 206 -33.69 -15.32 14.81
CA THR B 206 -34.07 -16.61 14.18
C THR B 206 -35.14 -16.46 13.09
N SER B 207 -35.86 -15.32 13.07
CA SER B 207 -36.76 -14.96 11.98
C SER B 207 -36.02 -14.35 10.75
N PRO B 208 -36.11 -15.03 9.57
CA PRO B 208 -35.76 -14.37 8.30
C PRO B 208 -36.45 -13.02 8.08
N ILE B 209 -35.72 -12.04 7.54
CA ILE B 209 -36.32 -10.78 7.11
C ILE B 209 -36.76 -10.96 5.66
N VAL B 210 -38.06 -10.88 5.46
CA VAL B 210 -38.70 -11.21 4.21
C VAL B 210 -39.10 -9.90 3.54
N LYS B 211 -38.58 -9.70 2.33
CA LYS B 211 -38.98 -8.61 1.45
C LYS B 211 -39.41 -9.23 0.14
N SER B 212 -40.56 -8.77 -0.36
CA SER B 212 -41.19 -9.38 -1.50
C SER B 212 -41.79 -8.36 -2.44
N PHE B 213 -41.98 -8.76 -3.69
CA PHE B 213 -42.83 -8.03 -4.61
C PHE B 213 -43.55 -8.98 -5.56
N ASN B 214 -44.56 -8.42 -6.21
CA ASN B 214 -45.32 -9.09 -7.29
C ASN B 214 -45.08 -8.36 -8.58
N ARG B 215 -44.81 -9.13 -9.63
CA ARG B 215 -44.54 -8.59 -10.95
C ARG B 215 -45.70 -7.68 -11.37
N ASN B 216 -46.92 -8.21 -11.25
CA ASN B 216 -48.16 -7.42 -11.34
C ASN B 216 -48.96 -7.52 -10.04
N GLN C 1 3.11 18.62 0.20
CA GLN C 1 3.19 18.67 -1.31
C GLN C 1 4.02 17.57 -2.03
N ILE C 2 4.55 16.57 -1.31
CA ILE C 2 5.20 15.41 -1.94
C ILE C 2 4.15 14.44 -2.46
N GLN C 3 4.33 14.01 -3.71
CA GLN C 3 3.31 13.24 -4.41
C GLN C 3 3.95 12.38 -5.47
N LEU C 4 3.40 11.19 -5.65
CA LEU C 4 3.75 10.31 -6.74
C LEU C 4 2.45 9.92 -7.42
N VAL C 5 2.34 10.24 -8.70
CA VAL C 5 1.11 10.01 -9.45
C VAL C 5 1.47 9.06 -10.57
N GLN C 6 0.78 7.92 -10.59
CA GLN C 6 0.96 6.91 -11.63
C GLN C 6 -0.07 7.05 -12.76
N SER C 7 0.31 6.55 -13.95
CA SER C 7 -0.58 6.41 -15.09
C SER C 7 -1.77 5.50 -14.73
N GLY C 8 -2.84 5.60 -15.53
CA GLY C 8 -4.14 5.02 -15.21
C GLY C 8 -4.18 3.52 -15.43
N PRO C 9 -5.24 2.87 -14.95
CA PRO C 9 -5.37 1.43 -15.19
C PRO C 9 -5.46 1.10 -16.68
N GLU C 10 -5.12 -0.13 -17.04
CA GLU C 10 -4.94 -0.56 -18.43
C GLU C 10 -5.27 -2.05 -18.63
N LEU C 11 -5.98 -2.33 -19.72
CA LEU C 11 -6.28 -3.69 -20.19
C LEU C 11 -5.25 -3.99 -21.24
N LYS C 12 -4.50 -5.07 -21.04
CA LYS C 12 -3.53 -5.53 -22.03
C LYS C 12 -3.83 -6.97 -22.38
N LYS C 13 -3.48 -7.35 -23.59
CA LYS C 13 -3.70 -8.70 -24.06
C LYS C 13 -2.49 -9.53 -23.70
N PRO C 14 -2.66 -10.84 -23.51
CA PRO C 14 -1.46 -11.67 -23.31
C PRO C 14 -0.46 -11.48 -24.46
N GLY C 15 0.81 -11.33 -24.09
CA GLY C 15 1.90 -11.14 -25.06
C GLY C 15 2.33 -9.69 -25.27
N GLU C 16 1.50 -8.76 -24.84
CA GLU C 16 1.79 -7.35 -25.06
C GLU C 16 2.72 -6.80 -23.99
N THR C 17 3.13 -5.55 -24.22
CA THR C 17 4.02 -4.82 -23.35
C THR C 17 3.22 -3.70 -22.75
N ILE C 18 3.62 -3.27 -21.55
CA ILE C 18 3.03 -2.11 -20.90
C ILE C 18 4.14 -1.26 -20.30
N LYS C 19 4.03 0.06 -20.47
CA LYS C 19 4.94 0.99 -19.82
C LYS C 19 4.19 1.88 -18.84
N ILE C 20 4.26 1.51 -17.56
CA ILE C 20 3.59 2.22 -16.46
C ILE C 20 4.50 3.34 -16.00
N SER C 21 3.93 4.53 -15.75
CA SER C 21 4.69 5.73 -15.34
C SER C 21 4.39 6.15 -13.91
N CYS C 22 5.34 6.87 -13.32
CA CYS C 22 5.26 7.30 -11.95
C CYS C 22 5.97 8.65 -11.89
N LYS C 23 5.19 9.73 -11.97
CA LYS C 23 5.72 11.08 -11.96
C LYS C 23 5.77 11.57 -10.51
N ALA C 24 6.90 12.14 -10.11
CA ALA C 24 7.14 12.59 -8.73
C ALA C 24 7.16 14.08 -8.72
N SER C 25 6.83 14.66 -7.56
CA SER C 25 6.97 16.11 -7.37
C SER C 25 7.06 16.44 -5.89
N GLY C 26 7.59 17.63 -5.61
CA GLY C 26 7.70 18.17 -4.24
C GLY C 26 8.96 17.81 -3.46
N TYR C 27 9.91 17.15 -4.13
CA TYR C 27 11.19 16.79 -3.53
C TYR C 27 12.25 16.71 -4.62
N THR C 28 13.51 16.76 -4.23
CA THR C 28 14.61 16.61 -5.18
C THR C 28 14.67 15.14 -5.63
N PHE C 29 14.13 14.90 -6.83
CA PHE C 29 13.98 13.58 -7.42
C PHE C 29 15.22 12.71 -7.34
N THR C 30 16.36 13.27 -7.72
CA THR C 30 17.60 12.53 -7.83
C THR C 30 18.21 12.08 -6.49
N ASN C 31 17.71 12.60 -5.38
CA ASN C 31 18.20 12.20 -4.03
C ASN C 31 17.55 10.96 -3.39
N TYR C 32 16.56 10.37 -4.06
CA TYR C 32 15.85 9.23 -3.49
C TYR C 32 15.62 8.06 -4.45
N GLY C 33 15.83 6.85 -3.94
CA GLY C 33 15.55 5.66 -4.69
C GLY C 33 14.05 5.51 -4.93
N MET C 34 13.71 4.86 -6.04
CA MET C 34 12.33 4.54 -6.37
C MET C 34 12.21 3.03 -6.41
N ASN C 35 11.32 2.53 -5.53
CA ASN C 35 11.05 1.14 -5.38
C ASN C 35 9.77 0.80 -6.11
N TRP C 36 9.70 -0.40 -6.68
CA TRP C 36 8.46 -0.92 -7.23
C TRP C 36 7.95 -2.11 -6.41
N VAL C 37 6.62 -2.18 -6.33
CA VAL C 37 5.93 -3.11 -5.43
C VAL C 37 4.74 -3.63 -6.18
N LYS C 38 4.58 -4.95 -6.16
CA LYS C 38 3.47 -5.64 -6.77
C LYS C 38 2.51 -6.19 -5.73
N GLN C 39 1.21 -6.01 -5.98
CA GLN C 39 0.15 -6.61 -5.18
C GLN C 39 -0.90 -7.32 -6.04
N THR C 40 -1.11 -8.60 -5.77
CA THR C 40 -2.15 -9.35 -6.46
C THR C 40 -3.37 -9.44 -5.54
N PRO C 41 -4.59 -9.32 -6.10
CA PRO C 41 -5.81 -9.22 -5.28
C PRO C 41 -5.94 -10.30 -4.25
N GLY C 42 -5.71 -11.55 -4.64
CA GLY C 42 -5.70 -12.66 -3.67
C GLY C 42 -4.65 -12.37 -2.60
N LYS C 43 -3.41 -12.22 -3.05
CA LYS C 43 -2.25 -12.20 -2.17
C LYS C 43 -1.81 -10.81 -1.61
N GLY C 44 -0.64 -10.80 -0.99
CA GLY C 44 -0.05 -9.59 -0.42
C GLY C 44 0.99 -8.90 -1.27
N LEU C 45 1.91 -8.22 -0.60
CA LEU C 45 2.88 -7.32 -1.23
C LEU C 45 4.23 -7.98 -1.53
N LYS C 46 4.73 -7.71 -2.73
CA LYS C 46 6.01 -8.22 -3.18
C LYS C 46 6.87 -7.08 -3.71
N TRP C 47 8.03 -6.93 -3.09
CA TRP C 47 8.99 -5.93 -3.49
C TRP C 47 9.67 -6.41 -4.79
N MET C 48 9.57 -5.62 -5.84
CA MET C 48 10.07 -5.99 -7.15
C MET C 48 11.52 -5.61 -7.37
N GLY C 49 12.00 -4.58 -6.68
CA GLY C 49 13.31 -4.01 -6.87
C GLY C 49 13.31 -2.51 -6.76
N TRP C 50 14.36 -1.88 -7.26
CA TRP C 50 14.48 -0.42 -7.23
C TRP C 50 15.50 0.15 -8.22
N ILE C 51 15.37 1.45 -8.47
CA ILE C 51 16.20 2.17 -9.42
C ILE C 51 16.75 3.42 -8.73
N ASN C 52 17.99 3.77 -9.06
CA ASN C 52 18.74 4.88 -8.42
C ASN C 52 18.86 6.08 -9.37
N PRO C 53 18.13 7.17 -9.10
CA PRO C 53 18.24 8.34 -10.02
C PRO C 53 19.48 9.25 -9.87
N TYR C 54 20.18 9.12 -8.74
CA TYR C 54 21.45 9.82 -8.56
C TYR C 54 22.53 9.25 -9.50
N THR C 55 22.68 7.93 -9.54
CA THR C 55 23.75 7.28 -10.32
C THR C 55 23.36 7.02 -11.78
N GLY C 56 22.10 6.73 -12.05
CA GLY C 56 21.72 6.23 -13.38
C GLY C 56 22.16 4.80 -13.64
N GLU C 57 22.58 4.09 -12.59
CA GLU C 57 23.13 2.75 -12.69
C GLU C 57 22.06 1.73 -13.10
N GLU C 58 22.52 0.55 -13.45
CA GLU C 58 21.64 -0.59 -13.75
C GLU C 58 20.74 -0.91 -12.53
N PRO C 59 19.41 -0.95 -12.72
CA PRO C 59 18.54 -1.24 -11.58
C PRO C 59 18.72 -2.62 -10.97
N SER C 60 18.29 -2.74 -9.71
CA SER C 60 18.31 -3.99 -8.97
C SER C 60 16.92 -4.60 -8.96
N TYR C 61 16.83 -5.89 -9.33
CA TYR C 61 15.59 -6.64 -9.41
C TYR C 61 15.55 -7.82 -8.46
N ALA C 62 14.41 -8.01 -7.82
CA ALA C 62 14.16 -9.23 -7.07
C ALA C 62 14.07 -10.40 -8.05
N ASP C 63 14.38 -11.60 -7.56
CA ASP C 63 14.53 -12.79 -8.39
C ASP C 63 13.39 -13.02 -9.38
N ASP C 64 12.16 -12.86 -8.91
CA ASP C 64 10.98 -13.13 -9.75
C ASP C 64 10.74 -12.15 -10.90
N PHE C 65 11.50 -11.05 -10.94
CA PHE C 65 11.31 -10.01 -11.96
C PHE C 65 12.58 -9.71 -12.72
N LYS C 66 13.38 -10.74 -12.97
CA LYS C 66 14.57 -10.60 -13.81
C LYS C 66 14.21 -11.04 -15.20
N GLY C 67 14.45 -10.17 -16.18
CA GLY C 67 14.35 -10.50 -17.60
C GLY C 67 13.15 -9.90 -18.34
N ARG C 68 11.96 -9.98 -17.78
CA ARG C 68 10.75 -9.42 -18.45
C ARG C 68 10.38 -8.00 -17.98
N PHE C 69 11.11 -7.51 -16.97
CA PHE C 69 10.84 -6.24 -16.33
C PHE C 69 11.99 -5.27 -16.49
N ALA C 70 11.68 -4.01 -16.77
CA ALA C 70 12.67 -2.98 -16.93
C ALA C 70 12.19 -1.73 -16.22
N PHE C 71 12.97 -1.30 -15.23
CA PHE C 71 12.79 0.00 -14.56
C PHE C 71 13.63 1.02 -15.31
N SER C 72 13.10 2.22 -15.49
CA SER C 72 13.82 3.28 -16.22
C SER C 72 13.40 4.66 -15.72
N LEU C 73 14.13 5.67 -16.17
CA LEU C 73 13.92 7.06 -15.76
C LEU C 73 13.82 8.04 -16.94
N GLU C 74 13.09 9.13 -16.71
CA GLU C 74 13.25 10.39 -17.47
C GLU C 74 13.39 11.49 -16.41
N THR C 75 14.63 11.67 -15.96
CA THR C 75 14.95 12.43 -14.76
C THR C 75 14.59 13.90 -14.82
N SER C 76 14.60 14.48 -16.01
CA SER C 76 14.26 15.90 -16.20
C SER C 76 12.75 16.16 -15.98
N ALA C 77 11.96 15.10 -16.11
CA ALA C 77 10.51 15.09 -15.98
C ALA C 77 10.06 14.47 -14.67
N ASN C 78 11.01 14.19 -13.76
CA ASN C 78 10.75 13.55 -12.46
C ASN C 78 9.97 12.26 -12.56
N THR C 79 10.28 11.47 -13.59
CA THR C 79 9.44 10.33 -13.93
C THR C 79 10.22 9.01 -13.94
N ALA C 80 9.73 8.08 -13.14
CA ALA C 80 10.19 6.69 -13.14
C ALA C 80 9.16 5.81 -13.88
N TYR C 81 9.66 4.78 -14.56
CA TYR C 81 8.86 3.90 -15.43
C TYR C 81 9.10 2.43 -15.11
N LEU C 82 8.04 1.64 -15.33
CA LEU C 82 8.08 0.20 -15.19
C LEU C 82 7.50 -0.33 -16.47
N GLN C 83 8.35 -0.94 -17.29
CA GLN C 83 7.96 -1.67 -18.49
C GLN C 83 7.95 -3.16 -18.22
N ILE C 84 6.86 -3.81 -18.57
CA ILE C 84 6.72 -5.25 -18.46
C ILE C 84 6.44 -5.77 -19.85
N ASN C 85 7.24 -6.75 -20.27
CA ASN C 85 7.20 -7.33 -21.60
C ASN C 85 6.57 -8.72 -21.55
N ASN C 86 5.91 -9.10 -22.63
CA ASN C 86 5.28 -10.40 -22.81
C ASN C 86 4.38 -10.77 -21.62
N LEU C 87 3.36 -9.96 -21.46
CA LEU C 87 2.43 -10.06 -20.35
C LEU C 87 1.70 -11.39 -20.30
N ASN C 88 1.61 -11.94 -19.09
CA ASN C 88 0.88 -13.16 -18.84
C ASN C 88 -0.07 -12.95 -17.69
N ASN C 89 -0.94 -13.95 -17.50
CA ASN C 89 -2.01 -13.86 -16.53
C ASN C 89 -1.53 -13.56 -15.10
N GLU C 90 -0.36 -14.08 -14.74
CA GLU C 90 0.25 -13.85 -13.43
C GLU C 90 0.69 -12.39 -13.22
N ASP C 91 0.80 -11.62 -14.30
CA ASP C 91 1.14 -10.21 -14.22
C ASP C 91 -0.03 -9.33 -13.87
N MET C 92 -1.21 -9.91 -13.81
CA MET C 92 -2.43 -9.16 -13.57
C MET C 92 -2.39 -8.80 -12.10
N ALA C 93 -2.23 -7.51 -11.83
CA ALA C 93 -1.96 -7.03 -10.46
C ALA C 93 -2.06 -5.54 -10.44
N THR C 94 -1.89 -4.99 -9.24
CA THR C 94 -1.67 -3.56 -9.04
C THR C 94 -0.19 -3.31 -8.74
N TYR C 95 0.42 -2.37 -9.47
CA TYR C 95 1.84 -2.00 -9.32
C TYR C 95 1.97 -0.65 -8.64
N PHE C 96 2.78 -0.57 -7.59
CA PHE C 96 3.00 0.69 -6.89
C PHE C 96 4.44 1.15 -7.01
N CYS C 97 4.64 2.45 -7.21
CA CYS C 97 5.97 3.05 -6.99
C CYS C 97 5.97 3.58 -5.56
N ALA C 98 7.13 3.49 -4.92
CA ALA C 98 7.28 4.00 -3.58
C ALA C 98 8.69 4.54 -3.36
N ARG C 99 8.77 5.78 -2.85
CA ARG C 99 10.03 6.42 -2.62
C ARG C 99 10.71 5.79 -1.43
N GLY C 100 12.00 5.45 -1.58
CA GLY C 100 12.81 4.97 -0.48
C GLY C 100 13.20 6.17 0.36
N GLY C 101 13.27 6.01 1.69
CA GLY C 101 13.86 7.01 2.57
C GLY C 101 15.27 7.42 2.12
N PHE C 102 15.71 8.61 2.52
CA PHE C 102 17.04 9.09 2.14
C PHE C 102 18.07 8.04 2.50
N THR C 103 17.90 7.47 3.69
CA THR C 103 18.57 6.23 4.11
C THR C 103 17.50 5.20 4.38
N ASP C 104 17.91 3.94 4.53
CA ASP C 104 16.98 2.81 4.79
C ASP C 104 16.18 2.85 6.10
N TYR C 105 16.71 3.60 7.06
CA TYR C 105 16.06 3.86 8.34
C TYR C 105 14.63 4.39 8.19
N TYR C 106 14.40 5.27 7.22
CA TYR C 106 13.13 5.99 7.13
C TYR C 106 11.96 5.27 6.42
N GLY C 107 12.20 4.07 5.91
CA GLY C 107 11.13 3.31 5.27
C GLY C 107 10.72 3.88 3.93
N MET C 108 9.82 3.18 3.26
CA MET C 108 9.21 3.69 2.00
C MET C 108 8.07 4.62 2.35
N ASP C 109 8.36 5.91 2.38
CA ASP C 109 7.49 6.92 2.98
C ASP C 109 6.34 7.40 2.09
N TYR C 110 6.54 7.49 0.78
CA TYR C 110 5.51 8.02 -0.13
C TYR C 110 5.25 7.04 -1.27
N TRP C 111 3.97 6.81 -1.52
CA TRP C 111 3.52 5.78 -2.41
C TRP C 111 2.63 6.36 -3.49
N GLY C 112 2.74 5.82 -4.70
CA GLY C 112 1.80 6.12 -5.76
C GLY C 112 0.43 5.51 -5.44
N GLN C 113 -0.59 5.98 -6.16
CA GLN C 113 -1.97 5.45 -6.00
C GLN C 113 -2.15 4.03 -6.54
N GLY C 114 -1.18 3.57 -7.33
CA GLY C 114 -1.19 2.25 -7.91
C GLY C 114 -1.69 2.27 -9.34
N THR C 115 -1.33 1.22 -10.08
CA THR C 115 -1.76 1.03 -11.45
C THR C 115 -2.21 -0.42 -11.60
N SER C 116 -3.52 -0.61 -11.61
CA SER C 116 -4.14 -1.90 -11.83
C SER C 116 -4.03 -2.33 -13.28
N VAL C 117 -3.34 -3.43 -13.54
CA VAL C 117 -3.17 -3.99 -14.90
C VAL C 117 -4.02 -5.24 -15.05
N THR C 118 -4.87 -5.24 -16.07
CA THR C 118 -5.74 -6.37 -16.44
C THR C 118 -5.12 -7.04 -17.69
N VAL C 119 -4.99 -8.36 -17.63
CA VAL C 119 -4.46 -9.16 -18.72
C VAL C 119 -5.58 -10.09 -19.15
N SER C 120 -6.07 -9.89 -20.39
CA SER C 120 -7.26 -10.57 -20.90
C SER C 120 -7.40 -10.36 -22.39
N SER C 121 -7.99 -11.34 -23.07
CA SER C 121 -8.36 -11.23 -24.51
C SER C 121 -9.78 -10.71 -24.71
N ALA C 122 -10.57 -10.68 -23.65
CA ALA C 122 -11.94 -10.24 -23.74
C ALA C 122 -12.02 -8.76 -24.07
N LYS C 123 -13.13 -8.40 -24.71
CA LYS C 123 -13.30 -7.09 -25.34
C LYS C 123 -13.94 -6.06 -24.44
N THR C 124 -13.44 -4.84 -24.59
CA THR C 124 -13.90 -3.69 -23.86
C THR C 124 -15.35 -3.50 -24.23
N THR C 125 -16.19 -3.44 -23.20
CA THR C 125 -17.63 -3.45 -23.32
C THR C 125 -18.15 -2.35 -22.39
N PRO C 126 -18.97 -1.44 -22.91
CA PRO C 126 -19.54 -0.41 -22.03
C PRO C 126 -20.68 -0.98 -21.20
N PRO C 127 -20.97 -0.37 -20.03
CA PRO C 127 -22.04 -0.84 -19.14
C PRO C 127 -23.41 -0.41 -19.60
N SER C 128 -24.42 -1.18 -19.23
CA SER C 128 -25.81 -0.73 -19.26
C SER C 128 -26.19 -0.36 -17.83
N VAL C 129 -26.82 0.80 -17.63
CA VAL C 129 -27.18 1.28 -16.29
C VAL C 129 -28.69 1.14 -16.10
N TYR C 130 -29.10 0.49 -15.02
CA TYR C 130 -30.52 0.31 -14.74
C TYR C 130 -30.90 0.89 -13.38
N PRO C 131 -31.99 1.67 -13.32
CA PRO C 131 -32.44 2.18 -12.04
C PRO C 131 -33.08 1.08 -11.24
N LEU C 132 -32.79 1.05 -9.94
CA LEU C 132 -33.46 0.18 -8.99
C LEU C 132 -34.36 1.07 -8.15
N ALA C 133 -35.66 1.03 -8.45
CA ALA C 133 -36.69 1.77 -7.71
C ALA C 133 -37.58 0.77 -6.94
N PRO C 134 -38.07 1.15 -5.74
CA PRO C 134 -38.95 0.24 -4.99
C PRO C 134 -40.22 -0.10 -5.77
N GLY C 135 -40.63 -1.36 -5.73
CA GLY C 135 -41.80 -1.83 -6.46
C GLY C 135 -43.10 -1.24 -5.92
N SER C 136 -44.09 -1.14 -6.80
CA SER C 136 -45.42 -0.64 -6.43
C SER C 136 -46.17 -1.63 -5.54
N ASN C 141 -41.69 3.04 6.14
CA ASN C 141 -40.49 3.53 6.83
C ASN C 141 -40.23 5.02 6.56
N SER C 142 -39.36 5.60 7.37
CA SER C 142 -38.98 7.02 7.24
C SER C 142 -37.73 7.25 6.33
N MET C 143 -36.92 6.20 6.13
CA MET C 143 -35.85 6.20 5.10
C MET C 143 -36.28 5.35 3.90
N VAL C 144 -35.81 5.73 2.71
CA VAL C 144 -36.02 4.96 1.48
C VAL C 144 -34.67 4.65 0.79
N THR C 145 -34.57 3.42 0.30
CA THR C 145 -33.35 2.92 -0.30
C THR C 145 -33.58 2.74 -1.79
N LEU C 146 -32.69 3.33 -2.58
CA LEU C 146 -32.77 3.28 -4.03
C LEU C 146 -31.42 2.78 -4.51
N GLY C 147 -31.36 2.35 -5.76
CA GLY C 147 -30.09 1.90 -6.33
C GLY C 147 -29.93 2.10 -7.82
N CYS C 148 -28.76 1.67 -8.28
CA CYS C 148 -28.40 1.63 -9.69
C CYS C 148 -27.69 0.33 -9.93
N LEU C 149 -28.07 -0.38 -10.99
CA LEU C 149 -27.46 -1.66 -11.37
C LEU C 149 -26.58 -1.37 -12.58
N VAL C 150 -25.29 -1.66 -12.46
CA VAL C 150 -24.32 -1.35 -13.51
C VAL C 150 -23.79 -2.69 -14.07
N LYS C 151 -24.29 -3.05 -15.25
CA LYS C 151 -24.22 -4.42 -15.75
C LYS C 151 -23.48 -4.52 -17.07
N GLY C 152 -22.68 -5.57 -17.20
CA GLY C 152 -22.18 -6.02 -18.50
C GLY C 152 -20.99 -5.28 -19.08
N TYR C 153 -20.03 -4.90 -18.22
CA TYR C 153 -18.91 -4.07 -18.64
C TYR C 153 -17.54 -4.72 -18.42
N PHE C 154 -16.58 -4.29 -19.23
CA PHE C 154 -15.23 -4.75 -19.15
C PHE C 154 -14.35 -3.67 -19.77
N PRO C 155 -13.14 -3.44 -19.27
CA PRO C 155 -12.64 -3.89 -17.96
C PRO C 155 -13.04 -2.94 -16.81
N GLU C 156 -12.60 -3.28 -15.61
CA GLU C 156 -12.70 -2.39 -14.46
C GLU C 156 -11.77 -1.20 -14.69
N PRO C 157 -12.02 -0.06 -14.06
CA PRO C 157 -13.08 0.17 -13.10
C PRO C 157 -14.26 0.98 -13.67
N VAL C 158 -15.34 1.06 -12.90
CA VAL C 158 -16.35 2.08 -13.11
C VAL C 158 -16.39 2.95 -11.85
N THR C 159 -16.81 4.19 -12.00
CA THR C 159 -17.13 5.03 -10.87
C THR C 159 -18.62 5.33 -10.88
N VAL C 160 -19.19 5.32 -9.67
CA VAL C 160 -20.59 5.56 -9.42
C VAL C 160 -20.67 6.62 -8.34
N THR C 161 -21.45 7.67 -8.59
CA THR C 161 -21.78 8.72 -7.63
C THR C 161 -23.27 9.02 -7.68
N TRP C 162 -23.74 9.76 -6.68
CA TRP C 162 -25.12 10.14 -6.57
C TRP C 162 -25.25 11.66 -6.49
N ASN C 163 -26.15 12.21 -7.31
CA ASN C 163 -26.28 13.64 -7.50
C ASN C 163 -24.88 14.31 -7.56
N SER C 164 -24.01 13.75 -8.42
CA SER C 164 -22.67 14.32 -8.69
C SER C 164 -21.69 14.40 -7.50
N GLY C 165 -21.89 13.53 -6.52
CA GLY C 165 -21.17 13.61 -5.25
C GLY C 165 -21.92 14.31 -4.14
N SER C 166 -23.02 14.99 -4.47
CA SER C 166 -23.80 15.75 -3.48
C SER C 166 -24.43 14.83 -2.43
N ALA C 167 -24.88 13.66 -2.83
CA ALA C 167 -25.29 12.63 -1.88
C ALA C 167 -24.13 11.66 -1.70
N SER C 168 -23.43 11.75 -0.57
CA SER C 168 -22.28 10.88 -0.30
C SER C 168 -22.51 9.93 0.87
N SER C 169 -23.21 10.40 1.90
CA SER C 169 -23.61 9.56 3.03
C SER C 169 -24.79 8.66 2.64
N GLY C 170 -24.95 7.56 3.37
CA GLY C 170 -25.99 6.57 3.02
C GLY C 170 -25.78 5.82 1.71
N VAL C 171 -24.55 5.81 1.19
CA VAL C 171 -24.23 5.16 -0.09
C VAL C 171 -23.31 3.92 0.09
N HIS C 172 -23.73 2.79 -0.52
CA HIS C 172 -22.85 1.62 -0.69
C HIS C 172 -22.70 1.32 -2.16
N THR C 173 -21.48 1.35 -2.67
CA THR C 173 -21.17 0.74 -3.97
C THR C 173 -20.53 -0.62 -3.68
N PHE C 174 -21.02 -1.67 -4.34
CA PHE C 174 -20.62 -3.04 -4.05
C PHE C 174 -19.49 -3.48 -5.01
N PRO C 175 -18.52 -4.29 -4.53
CA PRO C 175 -17.47 -4.83 -5.41
C PRO C 175 -18.05 -5.58 -6.59
N ALA C 176 -17.49 -5.37 -7.77
CA ALA C 176 -17.92 -6.07 -9.00
C ALA C 176 -17.76 -7.59 -8.94
N VAL C 177 -18.65 -8.34 -9.58
CA VAL C 177 -18.41 -9.77 -9.82
C VAL C 177 -18.19 -9.98 -11.32
N LEU C 178 -17.15 -10.74 -11.65
CA LEU C 178 -16.87 -11.16 -13.02
C LEU C 178 -17.55 -12.49 -13.32
N GLN C 179 -18.32 -12.50 -14.41
CA GLN C 179 -18.97 -13.69 -14.95
C GLN C 179 -18.91 -13.65 -16.48
N SER C 180 -18.33 -14.68 -17.09
CA SER C 180 -18.19 -14.78 -18.56
C SER C 180 -17.50 -13.56 -19.15
N ASP C 181 -16.42 -13.13 -18.52
CA ASP C 181 -15.61 -11.95 -18.95
C ASP C 181 -16.33 -10.60 -18.99
N LEU C 182 -17.40 -10.47 -18.22
CA LEU C 182 -18.13 -9.23 -18.04
C LEU C 182 -18.41 -8.98 -16.54
N TYR C 183 -18.16 -7.74 -16.08
CA TYR C 183 -18.42 -7.32 -14.71
C TYR C 183 -19.80 -6.78 -14.54
N THR C 184 -20.32 -6.96 -13.34
CA THR C 184 -21.55 -6.36 -12.86
C THR C 184 -21.37 -5.89 -11.39
N LEU C 185 -21.84 -4.68 -11.10
CA LEU C 185 -21.99 -4.20 -9.73
C LEU C 185 -23.23 -3.37 -9.61
N SER C 186 -23.63 -3.14 -8.36
CA SER C 186 -24.71 -2.24 -7.97
C SER C 186 -24.24 -1.18 -6.97
N SER C 187 -24.96 -0.08 -6.94
CA SER C 187 -24.86 0.88 -5.85
C SER C 187 -26.22 1.18 -5.24
N SER C 188 -26.25 1.39 -3.93
CA SER C 188 -27.46 1.70 -3.21
C SER C 188 -27.26 3.06 -2.56
N VAL C 189 -28.35 3.84 -2.46
CA VAL C 189 -28.35 5.14 -1.81
C VAL C 189 -29.56 5.11 -0.89
N THR C 190 -29.40 5.60 0.33
CA THR C 190 -30.50 5.67 1.30
C THR C 190 -30.77 7.15 1.64
N VAL C 191 -31.99 7.61 1.40
CA VAL C 191 -32.39 9.01 1.68
C VAL C 191 -33.67 9.05 2.51
N PRO C 192 -34.00 10.21 3.14
CA PRO C 192 -35.29 10.32 3.83
C PRO C 192 -36.47 10.20 2.87
N SER C 193 -37.49 9.45 3.30
CA SER C 193 -38.74 9.27 2.53
C SER C 193 -39.47 10.55 2.12
N SER C 194 -39.32 11.62 2.91
CA SER C 194 -39.90 12.91 2.53
C SER C 194 -39.29 13.43 1.22
N THR C 195 -37.95 13.39 1.17
CA THR C 195 -37.18 13.98 0.06
C THR C 195 -37.14 13.17 -1.26
N TRP C 196 -37.73 11.97 -1.32
CA TRP C 196 -37.90 11.22 -2.59
C TRP C 196 -39.33 10.68 -2.67
N PRO C 197 -40.03 10.88 -3.80
CA PRO C 197 -39.51 11.44 -5.05
C PRO C 197 -39.57 12.97 -5.19
N SER C 198 -39.75 13.72 -4.11
CA SER C 198 -39.90 15.17 -4.23
C SER C 198 -38.62 15.82 -4.76
N GLU C 199 -37.47 15.50 -4.15
CA GLU C 199 -36.16 15.86 -4.68
C GLU C 199 -35.69 14.73 -5.61
N THR C 200 -35.02 15.09 -6.69
CA THR C 200 -34.56 14.11 -7.67
C THR C 200 -33.32 13.37 -7.15
N VAL C 201 -33.14 12.14 -7.59
CA VAL C 201 -32.02 11.29 -7.18
C VAL C 201 -31.53 10.62 -8.45
N THR C 202 -30.27 10.92 -8.80
CA THR C 202 -29.64 10.52 -10.06
C THR C 202 -28.30 9.84 -9.78
N CYS C 203 -28.09 8.67 -10.37
CA CYS C 203 -26.77 8.06 -10.29
C CYS C 203 -25.97 8.40 -11.56
N ASN C 204 -24.69 8.69 -11.33
CA ASN C 204 -23.73 9.06 -12.35
C ASN C 204 -22.74 7.91 -12.39
N VAL C 205 -22.67 7.28 -13.56
CA VAL C 205 -21.80 6.17 -13.81
C VAL C 205 -20.82 6.64 -14.86
N ALA C 206 -19.54 6.39 -14.63
CA ALA C 206 -18.52 6.61 -15.65
C ALA C 206 -17.80 5.26 -15.90
N HIS C 207 -17.51 5.00 -17.17
CA HIS C 207 -16.64 3.86 -17.56
C HIS C 207 -15.60 4.39 -18.55
N PRO C 208 -14.47 4.91 -18.03
CA PRO C 208 -13.43 5.55 -18.86
C PRO C 208 -12.87 4.73 -20.02
N ALA C 209 -12.74 3.42 -19.85
CA ALA C 209 -12.16 2.59 -20.92
C ALA C 209 -12.98 2.58 -22.20
N SER C 210 -14.32 2.75 -22.07
CA SER C 210 -15.25 2.81 -23.21
C SER C 210 -15.75 4.22 -23.50
N SER C 211 -15.12 5.23 -22.89
CA SER C 211 -15.45 6.65 -23.06
C SER C 211 -16.95 6.97 -22.77
N THR C 212 -17.50 6.28 -21.77
CA THR C 212 -18.92 6.36 -21.43
C THR C 212 -19.14 7.09 -20.11
N LYS C 213 -20.05 8.08 -20.13
CA LYS C 213 -20.74 8.60 -18.93
C LYS C 213 -22.24 8.46 -19.10
N VAL C 214 -22.93 8.02 -18.07
CA VAL C 214 -24.37 7.88 -18.12
C VAL C 214 -24.95 8.49 -16.85
N ASP C 215 -26.00 9.30 -17.00
CA ASP C 215 -26.84 9.66 -15.86
C ASP C 215 -28.20 9.00 -15.93
N LYS C 216 -28.61 8.40 -14.82
CA LYS C 216 -29.90 7.73 -14.71
C LYS C 216 -30.68 8.27 -13.52
N LYS C 217 -31.81 8.91 -13.80
CA LYS C 217 -32.70 9.39 -12.76
C LYS C 217 -33.55 8.20 -12.27
N ILE C 218 -33.72 8.09 -10.95
CA ILE C 218 -34.58 7.07 -10.35
C ILE C 218 -35.98 7.69 -10.22
N VAL C 219 -36.88 7.34 -11.13
CA VAL C 219 -38.30 7.73 -11.07
C VAL C 219 -39.10 6.63 -10.39
N PRO C 220 -40.19 7.00 -9.68
CA PRO C 220 -41.09 5.98 -9.12
C PRO C 220 -41.68 5.12 -10.22
N ARG C 221 -41.79 3.82 -9.95
CA ARG C 221 -42.33 2.84 -10.90
C ARG C 221 -43.75 3.18 -11.41
S SO4 D . -6.38 7.20 5.25
O1 SO4 D . -7.85 7.17 5.01
O2 SO4 D . -5.68 7.55 3.99
O3 SO4 D . -6.05 8.17 6.29
O4 SO4 D . -5.95 5.85 5.67
#